data_4HU2
#
_entry.id   4HU2
#
_cell.length_a   114.433
_cell.length_b   27.638
_cell.length_c   67.990
_cell.angle_alpha   90.00
_cell.angle_beta   114.14
_cell.angle_gamma   90.00
#
_symmetry.space_group_name_H-M   'C 1 2 1'
#
loop_
_entity.id
_entity.type
_entity.pdbx_description
1 polymer 'PROBABLE CONSERVED LIPOPROTEIN LPPS'
2 non-polymer 'SULFATE ION'
3 water water
#
_entity_poly.entity_id   1
_entity_poly.type   'polypeptide(L)'
_entity_poly.pdbx_seq_one_letter_code
;SMADLLVPKLTASVTDGAVGVTVDAPVSVTAADGVLAAVTMVNDNGRPVAGRLSPDGLRWSTTEQLGYNRRYTLNATALG
LGGAATRQLTFQTSSPAHLTMPYVMPGDGEVVGVGEPVAIRFDENIADRGAAEKAIKITTNPPVEGAFYWLNNREVRWRP
EHFWKPGTAVDVAVNTYGVDLGEGMFGEDNVQTHFTIG
;
_entity_poly.pdbx_strand_id   A
#
# COMPACT_ATOMS: atom_id res chain seq x y z
N LEU A 5 -28.89 -4.11 26.44
CA LEU A 5 -28.71 -4.97 25.23
C LEU A 5 -28.50 -4.07 24.01
N LEU A 6 -27.31 -4.14 23.43
CA LEU A 6 -26.96 -3.29 22.28
C LEU A 6 -27.11 -4.07 20.98
N VAL A 7 -27.41 -3.33 19.91
CA VAL A 7 -27.42 -3.88 18.54
CA VAL A 7 -27.41 -3.89 18.55
C VAL A 7 -25.99 -3.79 17.98
N PRO A 8 -25.61 -4.76 17.13
CA PRO A 8 -24.23 -4.65 16.62
C PRO A 8 -23.94 -3.35 15.89
N LYS A 9 -22.68 -2.97 15.99
CA LYS A 9 -22.11 -1.76 15.41
C LYS A 9 -21.09 -2.18 14.34
N LEU A 10 -21.32 -1.76 13.09
CA LEU A 10 -20.36 -1.92 12.00
C LEU A 10 -19.59 -0.63 11.75
N THR A 11 -18.27 -0.74 11.59
CA THR A 11 -17.44 0.44 11.30
C THR A 11 -16.54 0.09 10.15
N ALA A 12 -16.61 0.88 9.07
CA ALA A 12 -15.76 0.70 7.91
C ALA A 12 -14.74 1.83 7.89
N SER A 13 -13.60 1.54 7.27
CA SER A 13 -12.49 2.48 7.20
C SER A 13 -12.62 3.47 6.04
N VAL A 14 -13.70 3.35 5.28
CA VAL A 14 -14.07 4.30 4.23
CA VAL A 14 -14.06 4.31 4.23
C VAL A 14 -15.47 4.80 4.46
N THR A 15 -15.78 5.99 3.95
CA THR A 15 -17.15 6.56 4.03
C THR A 15 -17.93 6.35 2.74
N ASP A 16 -19.25 6.16 2.87
CA ASP A 16 -20.15 6.10 1.73
C ASP A 16 -20.08 7.39 0.91
N GLY A 17 -19.92 7.23 -0.39
CA GLY A 17 -19.83 8.40 -1.28
C GLY A 17 -18.45 9.04 -1.34
N ALA A 18 -17.45 8.43 -0.69
CA ALA A 18 -16.08 8.93 -0.75
C ALA A 18 -15.57 8.88 -2.18
N VAL A 19 -14.76 9.88 -2.51
CA VAL A 19 -14.08 9.89 -3.79
C VAL A 19 -12.60 10.11 -3.54
N GLY A 20 -11.79 9.78 -4.54
CA GLY A 20 -10.34 9.88 -4.41
C GLY A 20 -9.76 8.95 -3.37
N VAL A 21 -10.47 7.88 -3.02
CA VAL A 21 -9.97 6.95 -1.98
C VAL A 21 -8.66 6.32 -2.48
N THR A 22 -7.61 6.45 -1.66
CA THR A 22 -6.30 5.94 -2.06
C THR A 22 -6.17 4.44 -1.89
N VAL A 23 -5.46 3.81 -2.82
CA VAL A 23 -5.40 2.36 -2.90
C VAL A 23 -4.07 1.82 -2.36
N ASP A 24 -3.42 2.65 -1.52
CA ASP A 24 -2.18 2.28 -0.81
C ASP A 24 -2.43 1.61 0.55
N ALA A 25 -3.69 1.43 0.93
CA ALA A 25 -4.05 0.79 2.18
C ALA A 25 -5.25 -0.12 1.94
N PRO A 26 -5.35 -1.20 2.74
CA PRO A 26 -6.55 -2.03 2.63
C PRO A 26 -7.77 -1.30 3.19
N VAL A 27 -8.94 -1.79 2.80
CA VAL A 27 -10.21 -1.36 3.39
C VAL A 27 -10.66 -2.39 4.40
N SER A 28 -11.11 -1.92 5.57
CA SER A 28 -11.50 -2.78 6.68
C SER A 28 -12.90 -2.47 7.18
N VAL A 29 -13.49 -3.49 7.81
CA VAL A 29 -14.75 -3.40 8.52
C VAL A 29 -14.58 -4.12 9.85
N THR A 30 -15.07 -3.51 10.93
CA THR A 30 -15.03 -4.10 12.26
C THR A 30 -16.46 -4.22 12.76
N ALA A 31 -16.68 -5.19 13.63
CA ALA A 31 -17.94 -5.31 14.37
C ALA A 31 -17.68 -5.17 15.86
N ALA A 32 -18.63 -4.53 16.54
CA ALA A 32 -18.70 -4.57 18.00
C ALA A 32 -20.11 -4.94 18.41
N ASP A 33 -20.24 -5.48 19.62
CA ASP A 33 -21.50 -5.99 20.16
C ASP A 33 -22.10 -6.99 19.18
N GLY A 34 -21.24 -7.78 18.56
CA GLY A 34 -21.64 -8.73 17.55
C GLY A 34 -20.43 -9.14 16.74
N VAL A 35 -20.67 -10.03 15.79
CA VAL A 35 -19.59 -10.54 14.92
C VAL A 35 -20.04 -10.38 13.46
N LEU A 36 -19.08 -10.27 12.57
CA LEU A 36 -19.33 -10.20 11.15
C LEU A 36 -19.76 -11.55 10.61
N ALA A 37 -20.98 -11.58 10.05
CA ALA A 37 -21.58 -12.78 9.46
C ALA A 37 -21.49 -12.87 7.94
N ALA A 38 -21.24 -11.72 7.31
CA ALA A 38 -21.04 -11.64 5.86
C ALA A 38 -20.36 -10.31 5.56
N VAL A 39 -19.30 -10.31 4.75
CA VAL A 39 -18.73 -9.08 4.20
C VAL A 39 -18.38 -9.32 2.75
N THR A 40 -18.79 -8.43 1.88
CA THR A 40 -18.45 -8.53 0.47
C THR A 40 -18.07 -7.17 -0.08
N MET A 41 -17.12 -7.15 -1.00
CA MET A 41 -16.82 -5.96 -1.77
C MET A 41 -16.71 -6.35 -3.24
N VAL A 42 -17.31 -5.55 -4.12
CA VAL A 42 -17.24 -5.81 -5.55
C VAL A 42 -16.93 -4.50 -6.27
N ASN A 43 -16.29 -4.60 -7.43
CA ASN A 43 -16.09 -3.43 -8.26
C ASN A 43 -17.32 -3.18 -9.14
N ASP A 44 -17.18 -2.17 -9.99
CA ASP A 44 -18.26 -1.67 -10.82
C ASP A 44 -18.69 -2.65 -11.93
N ASN A 45 -17.86 -3.64 -12.23
CA ASN A 45 -18.23 -4.68 -13.19
C ASN A 45 -18.63 -5.96 -12.45
N GLY A 46 -18.84 -5.85 -11.13
CA GLY A 46 -19.27 -6.95 -10.29
C GLY A 46 -18.19 -7.94 -9.85
N ARG A 47 -16.93 -7.65 -10.14
CA ARG A 47 -15.83 -8.55 -9.74
C ARG A 47 -15.62 -8.47 -8.23
N PRO A 48 -15.73 -9.62 -7.52
CA PRO A 48 -15.41 -9.63 -6.10
C PRO A 48 -13.96 -9.23 -5.80
N VAL A 49 -13.78 -8.52 -4.70
CA VAL A 49 -12.47 -8.22 -4.15
C VAL A 49 -12.15 -9.24 -3.06
N ALA A 50 -10.95 -9.81 -3.12
CA ALA A 50 -10.50 -10.75 -2.11
C ALA A 50 -10.38 -10.07 -0.77
N GLY A 51 -10.89 -10.72 0.27
CA GLY A 51 -10.68 -10.28 1.64
C GLY A 51 -10.49 -11.44 2.59
N ARG A 52 -10.22 -11.10 3.85
CA ARG A 52 -10.02 -12.08 4.92
C ARG A 52 -10.76 -11.63 6.17
N LEU A 53 -11.56 -12.55 6.72
CA LEU A 53 -12.24 -12.37 7.97
C LEU A 53 -11.39 -13.00 9.07
N SER A 54 -11.15 -12.25 10.13
CA SER A 54 -10.42 -12.75 11.28
C SER A 54 -11.17 -13.94 11.93
N PRO A 55 -10.46 -14.91 12.50
CA PRO A 55 -11.16 -16.05 13.08
C PRO A 55 -12.18 -15.66 14.16
N ASP A 56 -11.91 -14.61 14.91
CA ASP A 56 -12.86 -14.13 15.91
C ASP A 56 -14.08 -13.40 15.33
N GLY A 57 -14.14 -13.22 14.02
CA GLY A 57 -15.26 -12.52 13.38
C GLY A 57 -15.34 -11.02 13.62
N LEU A 58 -14.32 -10.42 14.27
CA LEU A 58 -14.39 -8.99 14.60
C LEU A 58 -13.81 -8.03 13.56
N ARG A 59 -13.09 -8.54 12.58
CA ARG A 59 -12.46 -7.66 11.59
C ARG A 59 -12.34 -8.39 10.25
N TRP A 60 -12.71 -7.66 9.21
CA TRP A 60 -12.53 -8.10 7.84
C TRP A 60 -11.70 -7.07 7.12
N SER A 61 -10.81 -7.51 6.22
CA SER A 61 -10.00 -6.57 5.46
C SER A 61 -9.79 -7.09 4.04
N THR A 62 -9.64 -6.17 3.08
CA THR A 62 -9.27 -6.53 1.72
C THR A 62 -7.84 -7.06 1.74
N THR A 63 -7.57 -8.05 0.90
CA THR A 63 -6.25 -8.67 0.84
C THR A 63 -5.60 -8.58 -0.54
N GLU A 64 -6.24 -7.86 -1.44
CA GLU A 64 -5.59 -7.57 -2.69
C GLU A 64 -5.76 -6.12 -3.04
N GLN A 65 -4.97 -5.75 -4.01
CA GLN A 65 -4.83 -4.41 -4.51
C GLN A 65 -6.15 -3.92 -5.09
N LEU A 66 -6.66 -2.78 -4.57
CA LEU A 66 -7.79 -2.10 -5.23
C LEU A 66 -7.28 -1.35 -6.45
N GLY A 67 -8.12 -1.27 -7.47
CA GLY A 67 -7.76 -0.60 -8.71
C GLY A 67 -8.01 0.88 -8.71
N TYR A 68 -7.29 1.58 -9.57
CA TYR A 68 -7.55 2.97 -9.85
C TYR A 68 -8.84 3.13 -10.67
N ASN A 69 -9.51 4.26 -10.49
N ASN A 69 -9.47 4.29 -10.45
CA ASN A 69 -10.66 4.58 -11.35
CA ASN A 69 -10.71 4.72 -11.11
C ASN A 69 -11.79 3.56 -11.22
C ASN A 69 -11.74 3.61 -11.18
N ARG A 70 -12.04 3.09 -10.00
CA ARG A 70 -13.08 2.09 -9.82
C ARG A 70 -14.03 2.58 -8.75
N ARG A 71 -15.25 2.09 -8.87
CA ARG A 71 -16.26 2.27 -7.85
CA ARG A 71 -16.27 2.26 -7.86
C ARG A 71 -16.47 0.92 -7.18
N TYR A 72 -16.32 0.89 -5.86
CA TYR A 72 -16.44 -0.32 -5.06
C TYR A 72 -17.68 -0.24 -4.19
N THR A 73 -18.36 -1.37 -4.08
CA THR A 73 -19.54 -1.49 -3.25
C THR A 73 -19.27 -2.52 -2.18
N LEU A 74 -19.39 -2.07 -0.94
CA LEU A 74 -19.09 -2.86 0.25
C LEU A 74 -20.40 -3.10 1.00
N ASN A 75 -20.65 -4.38 1.33
CA ASN A 75 -21.81 -4.80 2.12
C ASN A 75 -21.32 -5.59 3.31
N ALA A 76 -21.85 -5.33 4.49
CA ALA A 76 -21.48 -6.09 5.67
C ALA A 76 -22.71 -6.29 6.54
N THR A 77 -22.75 -7.45 7.19
CA THR A 77 -23.77 -7.77 8.18
C THR A 77 -23.09 -8.27 9.44
N ALA A 78 -23.49 -7.71 10.58
CA ALA A 78 -23.05 -8.19 11.89
C ALA A 78 -24.24 -8.71 12.66
N LEU A 79 -24.00 -9.77 13.43
CA LEU A 79 -25.01 -10.44 14.24
C LEU A 79 -24.52 -10.51 15.68
N GLY A 80 -25.39 -10.13 16.61
CA GLY A 80 -25.14 -10.19 18.02
C GLY A 80 -26.34 -10.69 18.77
N LEU A 81 -26.18 -10.82 20.07
CA LEU A 81 -27.30 -11.18 20.94
C LEU A 81 -28.44 -10.18 20.79
N GLY A 82 -28.13 -8.92 20.49
CA GLY A 82 -29.14 -7.86 20.37
C GLY A 82 -29.74 -7.65 19.01
N GLY A 83 -29.38 -8.50 18.07
CA GLY A 83 -29.97 -8.46 16.74
C GLY A 83 -28.92 -8.34 15.65
N ALA A 84 -29.36 -7.86 14.49
CA ALA A 84 -28.54 -7.71 13.29
C ALA A 84 -28.37 -6.26 12.87
N ALA A 85 -27.23 -5.96 12.27
CA ALA A 85 -27.00 -4.69 11.60
C ALA A 85 -26.39 -4.96 10.24
N THR A 86 -26.78 -4.16 9.27
CA THR A 86 -26.23 -4.25 7.92
CA THR A 86 -26.22 -4.25 7.92
C THR A 86 -25.86 -2.85 7.47
N ARG A 87 -24.84 -2.76 6.62
CA ARG A 87 -24.46 -1.52 6.01
C ARG A 87 -24.00 -1.78 4.60
N GLN A 88 -24.27 -0.82 3.73
CA GLN A 88 -23.77 -0.83 2.38
C GLN A 88 -23.16 0.52 2.16
N LEU A 89 -22.02 0.54 1.50
CA LEU A 89 -21.48 1.79 1.02
C LEU A 89 -20.81 1.59 -0.29
N THR A 90 -20.62 2.71 -0.98
CA THR A 90 -19.96 2.74 -2.26
C THR A 90 -18.94 3.87 -2.21
N PHE A 91 -17.77 3.64 -2.81
CA PHE A 91 -16.76 4.71 -2.88
C PHE A 91 -16.00 4.61 -4.18
N GLN A 92 -15.28 5.66 -4.52
CA GLN A 92 -14.47 5.71 -5.73
C GLN A 92 -13.02 5.96 -5.37
N THR A 93 -12.15 5.21 -6.05
CA THR A 93 -10.71 5.32 -5.84
C THR A 93 -10.07 6.37 -6.72
N SER A 94 -8.85 6.72 -6.33
CA SER A 94 -8.03 7.69 -7.03
C SER A 94 -8.05 7.52 -8.54
N SER A 95 -8.06 8.67 -9.22
CA SER A 95 -8.00 8.73 -10.66
C SER A 95 -6.70 9.43 -11.06
N PRO A 96 -5.61 8.66 -11.28
CA PRO A 96 -4.33 9.26 -11.64
C PRO A 96 -4.35 10.05 -12.95
N ALA A 97 -3.59 11.14 -12.99
CA ALA A 97 -3.27 11.81 -14.26
C ALA A 97 -2.37 10.90 -15.10
N HIS A 98 -1.39 10.27 -14.45
CA HIS A 98 -0.46 9.35 -15.10
C HIS A 98 0.03 8.34 -14.10
N LEU A 99 0.61 7.25 -14.60
CA LEU A 99 1.26 6.25 -13.76
C LEU A 99 2.75 6.22 -14.06
N THR A 100 3.52 5.88 -13.03
CA THR A 100 4.97 5.72 -13.16
C THR A 100 5.41 4.40 -12.50
N MET A 101 6.30 3.69 -13.19
CA MET A 101 6.86 2.45 -12.68
C MET A 101 8.30 2.68 -12.21
N PRO A 102 8.61 2.38 -10.94
CA PRO A 102 10.01 2.44 -10.52
C PRO A 102 10.78 1.16 -10.86
N TYR A 103 12.09 1.31 -11.08
CA TYR A 103 13.04 0.21 -11.25
C TYR A 103 14.10 0.41 -10.14
N VAL A 104 14.41 -0.65 -9.38
CA VAL A 104 15.42 -0.55 -8.33
C VAL A 104 16.69 -1.28 -8.76
N MET A 105 17.82 -0.65 -8.47
CA MET A 105 19.13 -1.25 -8.62
C MET A 105 19.86 -1.10 -7.29
N PRO A 106 20.76 -2.04 -6.96
CA PRO A 106 21.07 -3.29 -7.63
C PRO A 106 19.86 -4.23 -7.77
N GLY A 107 20.00 -5.17 -8.70
CA GLY A 107 18.99 -6.16 -8.98
C GLY A 107 18.75 -7.15 -7.86
N ASP A 108 17.55 -7.71 -7.86
CA ASP A 108 17.16 -8.62 -6.83
C ASP A 108 18.08 -9.84 -6.85
N GLY A 109 18.61 -10.21 -5.69
CA GLY A 109 19.50 -11.36 -5.55
C GLY A 109 20.96 -11.09 -5.83
N GLU A 110 21.29 -9.88 -6.28
CA GLU A 110 22.66 -9.49 -6.65
CA GLU A 110 22.67 -9.59 -6.64
C GLU A 110 23.56 -9.47 -5.41
N VAL A 111 24.86 -9.65 -5.64
CA VAL A 111 25.88 -9.45 -4.63
C VAL A 111 26.75 -8.36 -5.23
N VAL A 112 26.91 -7.27 -4.49
CA VAL A 112 27.58 -6.09 -4.99
C VAL A 112 28.68 -5.60 -4.07
N GLY A 113 29.42 -4.61 -4.57
CA GLY A 113 30.54 -4.06 -3.83
C GLY A 113 30.17 -3.01 -2.81
N VAL A 114 31.15 -2.66 -2.01
CA VAL A 114 30.97 -1.78 -0.85
C VAL A 114 30.67 -0.31 -1.19
N GLY A 115 30.77 0.07 -2.47
CA GLY A 115 30.45 1.43 -2.87
C GLY A 115 29.17 1.60 -3.65
N GLU A 116 28.40 0.53 -3.78
CA GLU A 116 27.22 0.55 -4.64
C GLU A 116 26.03 1.16 -3.92
N PRO A 117 25.45 2.26 -4.44
CA PRO A 117 24.23 2.79 -3.80
C PRO A 117 22.98 2.01 -4.16
N VAL A 118 21.96 2.12 -3.33
CA VAL A 118 20.61 1.81 -3.77
C VAL A 118 20.15 2.91 -4.73
N ALA A 119 19.56 2.51 -5.86
CA ALA A 119 19.02 3.44 -6.84
C ALA A 119 17.61 3.05 -7.23
N ILE A 120 16.71 4.02 -7.14
CA ILE A 120 15.31 3.83 -7.51
C ILE A 120 15.02 4.84 -8.61
N ARG A 121 14.79 4.34 -9.83
CA ARG A 121 14.56 5.20 -10.97
C ARG A 121 13.12 5.06 -11.40
N PHE A 122 12.40 6.18 -11.37
CA PHE A 122 11.03 6.22 -11.87
C PHE A 122 11.06 6.56 -13.37
N ASP A 123 10.11 6.03 -14.15
CA ASP A 123 10.05 6.28 -15.60
C ASP A 123 9.22 7.51 -16.00
N GLU A 124 8.89 8.34 -15.01
CA GLU A 124 8.21 9.61 -15.23
C GLU A 124 8.63 10.62 -14.15
N ASN A 125 8.31 11.88 -14.40
CA ASN A 125 8.68 12.96 -13.52
C ASN A 125 8.04 12.83 -12.15
N ILE A 126 8.83 13.03 -11.10
CA ILE A 126 8.39 13.01 -9.71
C ILE A 126 8.45 14.43 -9.19
N ALA A 127 7.27 15.05 -9.05
CA ALA A 127 7.17 16.43 -8.58
C ALA A 127 7.17 16.53 -7.04
N ASP A 128 6.77 15.44 -6.36
CA ASP A 128 6.75 15.41 -4.91
C ASP A 128 7.76 14.38 -4.45
N ARG A 129 9.00 14.83 -4.30
CA ARG A 129 10.09 13.94 -3.93
C ARG A 129 9.89 13.38 -2.53
N GLY A 130 9.29 14.19 -1.65
CA GLY A 130 9.07 13.81 -0.28
C GLY A 130 8.11 12.64 -0.19
N ALA A 131 7.06 12.68 -1.02
CA ALA A 131 6.10 11.56 -1.07
C ALA A 131 6.77 10.27 -1.55
N ALA A 132 7.64 10.39 -2.55
CA ALA A 132 8.34 9.22 -3.08
C ALA A 132 9.22 8.59 -2.00
N GLU A 133 9.98 9.44 -1.29
CA GLU A 133 10.89 8.95 -0.22
C GLU A 133 10.12 8.23 0.88
N LYS A 134 9.00 8.83 1.30
CA LYS A 134 8.20 8.30 2.39
C LYS A 134 7.68 6.91 2.02
N ALA A 135 7.51 6.65 0.73
CA ALA A 135 6.98 5.38 0.24
C ALA A 135 8.04 4.30 0.08
N ILE A 136 9.30 4.64 0.36
CA ILE A 136 10.40 3.70 0.18
C ILE A 136 10.97 3.31 1.54
N LYS A 137 11.00 1.99 1.80
CA LYS A 137 11.51 1.45 3.07
C LYS A 137 12.79 0.67 2.81
N ILE A 138 13.90 1.17 3.34
CA ILE A 138 15.20 0.48 3.26
C ILE A 138 15.48 -0.24 4.60
N THR A 139 15.80 -1.53 4.53
CA THR A 139 16.24 -2.28 5.69
C THR A 139 17.66 -2.71 5.46
N THR A 140 18.52 -2.56 6.47
CA THR A 140 19.88 -3.03 6.37
C THR A 140 20.20 -3.94 7.54
N ASN A 141 21.05 -4.93 7.31
CA ASN A 141 21.51 -5.82 8.38
C ASN A 141 22.89 -6.35 8.07
N PRO A 142 23.90 -6.04 8.88
CA PRO A 142 23.84 -5.22 10.09
C PRO A 142 23.31 -3.82 9.83
N PRO A 143 22.46 -3.27 10.71
CA PRO A 143 21.85 -1.98 10.41
C PRO A 143 22.84 -0.83 10.36
N VAL A 144 22.73 0.01 9.34
CA VAL A 144 23.48 1.24 9.23
C VAL A 144 22.54 2.37 8.86
N GLU A 145 22.90 3.58 9.29
CA GLU A 145 22.18 4.78 8.93
C GLU A 145 22.49 5.12 7.46
N GLY A 146 21.49 5.61 6.76
CA GLY A 146 21.67 6.14 5.42
C GLY A 146 20.58 7.15 5.12
N ALA A 147 20.63 7.70 3.92
CA ALA A 147 19.74 8.79 3.56
C ALA A 147 19.56 8.88 2.07
N PHE A 148 18.40 9.38 1.67
CA PHE A 148 18.06 9.50 0.27
C PHE A 148 18.68 10.78 -0.31
N TYR A 149 19.06 10.72 -1.58
CA TYR A 149 19.46 11.92 -2.33
C TYR A 149 18.97 11.74 -3.76
N TRP A 150 18.42 12.81 -4.32
CA TRP A 150 17.92 12.81 -5.68
C TRP A 150 18.98 13.24 -6.66
N LEU A 151 19.08 12.51 -7.76
CA LEU A 151 19.98 12.88 -8.87
C LEU A 151 19.33 13.89 -9.81
N ASN A 152 18.01 13.79 -9.91
CA ASN A 152 17.24 14.52 -10.89
C ASN A 152 15.80 14.28 -10.50
N ASN A 153 14.87 14.65 -11.36
CA ASN A 153 13.45 14.51 -11.07
C ASN A 153 12.94 13.09 -11.18
N ARG A 154 13.81 12.13 -11.47
CA ARG A 154 13.37 10.75 -11.64
C ARG A 154 14.05 9.69 -10.84
N GLU A 155 15.22 10.02 -10.30
CA GLU A 155 16.04 9.01 -9.70
C GLU A 155 16.48 9.44 -8.31
N VAL A 156 16.17 8.59 -7.34
CA VAL A 156 16.56 8.79 -5.95
C VAL A 156 17.45 7.62 -5.55
N ARG A 157 18.49 7.92 -4.78
CA ARG A 157 19.44 6.93 -4.35
C ARG A 157 19.54 6.97 -2.83
N TRP A 158 20.14 5.94 -2.25
CA TRP A 158 20.29 5.83 -0.80
C TRP A 158 21.61 5.15 -0.54
N ARG A 159 22.38 5.70 0.40
CA ARG A 159 23.60 5.03 0.82
C ARG A 159 23.95 5.41 2.24
N PRO A 160 24.81 4.61 2.87
CA PRO A 160 25.36 4.98 4.15
C PRO A 160 26.39 6.11 3.96
N GLU A 161 26.90 6.63 5.08
CA GLU A 161 27.77 7.79 5.04
C GLU A 161 29.05 7.52 4.26
N HIS A 162 29.59 6.31 4.37
N HIS A 162 29.60 6.32 4.38
CA HIS A 162 30.77 5.96 3.57
CA HIS A 162 30.76 5.96 3.56
C HIS A 162 30.54 4.68 2.82
C HIS A 162 30.54 4.68 2.82
N PHE A 163 31.34 3.65 3.10
CA PHE A 163 31.24 2.41 2.38
C PHE A 163 30.37 1.45 3.21
N TRP A 164 29.72 0.55 2.51
CA TRP A 164 29.07 -0.57 3.15
C TRP A 164 30.09 -1.50 3.73
N LYS A 165 29.64 -2.31 4.70
CA LYS A 165 30.43 -3.41 5.26
C LYS A 165 30.10 -4.71 4.50
N PRO A 166 31.11 -5.50 4.10
CA PRO A 166 30.83 -6.81 3.54
C PRO A 166 29.95 -7.67 4.47
N GLY A 167 29.08 -8.48 3.86
CA GLY A 167 28.12 -9.30 4.62
C GLY A 167 26.86 -8.59 5.08
N THR A 168 26.48 -7.53 4.37
CA THR A 168 25.28 -6.73 4.70
C THR A 168 24.14 -7.03 3.74
N ALA A 169 22.99 -7.39 4.34
CA ALA A 169 21.72 -7.56 3.65
C ALA A 169 21.08 -6.19 3.46
N VAL A 170 20.61 -5.94 2.23
CA VAL A 170 19.89 -4.70 1.95
C VAL A 170 18.56 -5.05 1.30
N ASP A 171 17.48 -4.54 1.92
CA ASP A 171 16.15 -4.77 1.45
C ASP A 171 15.51 -3.45 1.08
N VAL A 172 14.89 -3.41 -0.10
CA VAL A 172 14.33 -2.18 -0.63
C VAL A 172 12.89 -2.45 -1.04
N ALA A 173 11.95 -1.84 -0.31
CA ALA A 173 10.54 -1.91 -0.63
C ALA A 173 10.06 -0.57 -1.13
N VAL A 174 9.69 -0.52 -2.41
CA VAL A 174 9.23 0.70 -3.04
C VAL A 174 7.71 0.59 -3.18
N ASN A 175 7.03 1.23 -2.23
CA ASN A 175 5.57 1.04 -2.07
C ASN A 175 4.79 2.25 -2.55
N THR A 176 4.91 2.59 -3.84
CA THR A 176 4.23 3.78 -4.33
C THR A 176 2.91 3.47 -5.02
N TYR A 177 2.48 2.21 -5.04
CA TYR A 177 1.13 1.91 -5.55
C TYR A 177 0.12 2.63 -4.67
N GLY A 178 -0.76 3.40 -5.31
CA GLY A 178 -1.71 4.22 -4.58
C GLY A 178 -1.21 5.55 -4.06
N VAL A 179 0.07 5.86 -4.28
CA VAL A 179 0.62 7.10 -3.74
C VAL A 179 0.76 8.15 -4.84
N ASP A 180 0.28 9.36 -4.55
CA ASP A 180 0.41 10.50 -5.46
C ASP A 180 1.80 11.05 -5.26
N LEU A 181 2.62 10.89 -6.28
CA LEU A 181 4.00 11.33 -6.27
C LEU A 181 4.19 12.73 -6.86
N GLY A 182 3.10 13.48 -6.94
CA GLY A 182 3.14 14.88 -7.38
C GLY A 182 2.37 15.05 -8.67
N GLU A 183 1.53 16.09 -8.71
CA GLU A 183 0.81 16.44 -9.94
C GLU A 183 0.02 15.24 -10.52
N GLY A 184 -0.52 14.39 -9.63
CA GLY A 184 -1.34 13.25 -10.05
C GLY A 184 -0.60 12.10 -10.73
N MET A 185 0.72 12.06 -10.51
CA MET A 185 1.55 10.95 -10.92
C MET A 185 1.51 9.91 -9.81
N PHE A 186 0.87 8.78 -10.09
CA PHE A 186 0.74 7.68 -9.12
C PHE A 186 1.61 6.49 -9.48
N GLY A 187 2.01 5.74 -8.44
CA GLY A 187 2.79 4.54 -8.68
C GLY A 187 2.01 3.46 -9.42
N GLU A 188 2.61 2.87 -10.43
CA GLU A 188 1.97 1.85 -11.24
C GLU A 188 1.82 0.55 -10.46
N ASP A 189 2.78 0.30 -9.56
CA ASP A 189 2.82 -0.93 -8.76
C ASP A 189 3.90 -0.77 -7.71
N ASN A 190 3.95 -1.72 -6.79
CA ASN A 190 5.01 -1.79 -5.80
C ASN A 190 6.14 -2.67 -6.32
N VAL A 191 7.33 -2.41 -5.81
CA VAL A 191 8.51 -3.17 -6.19
C VAL A 191 9.30 -3.53 -4.93
N GLN A 192 9.86 -4.73 -4.92
CA GLN A 192 10.58 -5.30 -3.78
C GLN A 192 11.90 -5.82 -4.34
N THR A 193 13.03 -5.42 -3.74
CA THR A 193 14.33 -5.89 -4.18
C THR A 193 15.15 -6.18 -2.95
N HIS A 194 15.96 -7.23 -3.00
CA HIS A 194 16.86 -7.54 -1.88
C HIS A 194 18.18 -7.93 -2.48
N PHE A 195 19.26 -7.36 -1.98
CA PHE A 195 20.60 -7.74 -2.43
C PHE A 195 21.55 -7.80 -1.24
N THR A 196 22.81 -8.17 -1.54
CA THR A 196 23.80 -8.37 -0.49
C THR A 196 25.09 -7.67 -0.87
N ILE A 197 25.74 -7.06 0.12
CA ILE A 197 27.08 -6.52 -0.06
C ILE A 197 28.03 -7.68 0.21
N GLY A 198 28.81 -8.05 -0.78
CA GLY A 198 29.71 -9.19 -0.68
C GLY A 198 30.95 -8.92 0.15
#